data_7Z5Z
#
_entry.id   7Z5Z
#
_cell.length_a   42.190
_cell.length_b   101.490
_cell.length_c   46.260
_cell.angle_alpha   90.000
_cell.angle_beta   102.510
_cell.angle_gamma   90.000
#
_symmetry.space_group_name_H-M   'P 1 21 1'
#
loop_
_entity.id
_entity.type
_entity.pdbx_description
1 polymer 'UDP-N-acetylmuramoylpentapeptide-lysine N(6)-alanyltransferase'
2 polymer "DNA (5'-D(P*AP*CP*C)-R(P*(A9Z))-3')"
3 polymer UDP-MurNAc-pentapeptide
4 non-polymer GLYCEROL
5 non-polymer "URIDINE-5'-DIPHOSPHATE"
6 non-polymer 'N-acetyl-alpha-muramic acid'
7 water water
#
loop_
_entity_poly.entity_id
_entity_poly.type
_entity_poly.pdbx_seq_one_letter_code
_entity_poly.pdbx_strand_id
1 'polypeptide(L)'
;MPVLNLNDPQAVERYEEFMRQSPYGQVTQDLGWAKVKNNWEPVDVYLEDDQGAIIAAMSMLLGDTPTDKKFAYASKGPVM
DVTDVDLLDRLVDEAVKALDGRAYVLRFDPEVAYSDEFNTTLQDHGYVTRNRNVADAGMHATIQPRLNMVLDLTKFPDAK
TTLDLYPSKTKSKIKRPFRDGVEVHSGNSATELDEFFKTYTTMAERHGITHRPIEYFQRMQAAFDADTMRIFVAEREGKL
LSTGIALKYGRKIWYMYAGSMDGNTYYAPYAVQSEMIQWALDTNTDLYDLGGIESESTDDSLYVFKHVFVKDAPREYIGE
IDKVLDPEVYAELVKDGHHHHHH
;
A
2 'polydeoxyribonucleotide' (DA)(DC)(DC)(A9Z) B
3 'polypeptide(L)' A(FGA)C(DAL)(DAL) C
#
# COMPACT_ATOMS: atom_id res chain seq x y z
N PRO A 2 22.62 7.03 9.32
CA PRO A 2 22.38 8.40 9.78
C PRO A 2 20.89 8.74 9.79
N VAL A 3 20.54 9.84 10.46
CA VAL A 3 19.17 10.35 10.46
C VAL A 3 19.07 11.46 9.43
N LEU A 4 17.94 11.51 8.73
CA LEU A 4 17.75 12.50 7.68
C LEU A 4 17.31 13.82 8.31
N ASN A 5 17.97 14.91 7.93
CA ASN A 5 17.55 16.25 8.34
C ASN A 5 16.50 16.72 7.33
N LEU A 6 15.25 16.74 7.76
CA LEU A 6 14.16 17.10 6.87
C LEU A 6 14.22 18.54 6.38
N ASN A 7 15.07 19.39 7.00
CA ASN A 7 15.22 20.78 6.61
C ASN A 7 16.36 21.02 5.62
N ASP A 8 17.06 19.97 5.19
CA ASP A 8 18.19 20.06 4.28
C ASP A 8 17.71 19.54 2.94
N PRO A 9 17.39 20.41 1.97
CA PRO A 9 16.77 19.91 0.73
C PRO A 9 17.68 19.02 -0.08
N GLN A 10 18.99 19.25 -0.02
CA GLN A 10 19.92 18.37 -0.73
C GLN A 10 19.90 16.97 -0.15
N ALA A 11 19.96 16.85 1.18
CA ALA A 11 19.83 15.54 1.80
C ALA A 11 18.49 14.90 1.48
N VAL A 12 17.41 15.68 1.54
CA VAL A 12 16.08 15.14 1.26
C VAL A 12 16.00 14.63 -0.17
N GLU A 13 16.56 15.39 -1.12
CA GLU A 13 16.53 14.94 -2.51
C GLU A 13 17.32 13.65 -2.71
N ARG A 14 18.48 13.54 -2.06
CA ARG A 14 19.27 12.32 -2.17
C ARG A 14 18.52 11.12 -1.60
N TYR A 15 17.84 11.31 -0.47
CA TYR A 15 17.01 10.26 0.11
C TYR A 15 15.86 9.90 -0.84
N GLU A 16 15.20 10.91 -1.39
CA GLU A 16 14.11 10.65 -2.32
C GLU A 16 14.59 9.94 -3.56
N GLU A 17 15.77 10.32 -4.09
CA GLU A 17 16.29 9.63 -5.28
C GLU A 17 16.51 8.15 -5.01
N PHE A 18 17.07 7.81 -3.85
CA PHE A 18 17.19 6.40 -3.51
C PHE A 18 15.83 5.73 -3.47
N MET A 19 14.85 6.39 -2.84
CA MET A 19 13.55 5.76 -2.64
C MET A 19 12.85 5.51 -3.97
N ARG A 20 12.89 6.51 -4.86
CA ARG A 20 12.15 6.43 -6.13
C ARG A 20 12.76 5.42 -7.09
N GLN A 21 14.06 5.14 -6.96
CA GLN A 21 14.76 4.29 -7.91
C GLN A 21 14.99 2.87 -7.41
N SER A 22 14.71 2.60 -6.13
CA SER A 22 14.94 1.27 -5.58
C SER A 22 13.87 0.30 -6.05
N PRO A 23 14.24 -0.94 -6.38
CA PRO A 23 13.21 -1.97 -6.63
C PRO A 23 12.35 -2.28 -5.42
N TYR A 24 12.77 -1.88 -4.22
CA TYR A 24 12.00 -2.09 -3.00
C TYR A 24 11.18 -0.86 -2.62
N GLY A 25 11.16 0.17 -3.47
CA GLY A 25 10.46 1.40 -3.12
C GLY A 25 8.98 1.19 -2.94
N GLN A 26 8.41 1.97 -2.01
CA GLN A 26 7.00 1.90 -1.68
C GLN A 26 6.51 3.33 -1.48
N VAL A 27 5.30 3.62 -1.95
CA VAL A 27 4.79 4.97 -1.78
C VAL A 27 4.66 5.32 -0.29
N THR A 28 4.30 4.36 0.54
CA THR A 28 4.19 4.60 1.98
C THR A 28 5.53 4.82 2.68
N GLN A 29 6.64 4.61 1.99
CA GLN A 29 7.95 4.97 2.49
C GLN A 29 8.50 6.24 1.88
N ASP A 30 7.79 6.81 0.91
CA ASP A 30 8.22 8.08 0.35
C ASP A 30 8.05 9.16 1.42
N LEU A 31 8.87 10.21 1.33
CA LEU A 31 8.69 11.30 2.28
C LEU A 31 7.38 12.04 2.07
N GLY A 32 6.78 11.95 0.88
CA GLY A 32 5.46 12.54 0.71
C GLY A 32 4.39 11.89 1.54
N TRP A 33 4.60 10.64 1.97
CA TRP A 33 3.63 9.96 2.81
C TRP A 33 3.49 10.65 4.16
N ALA A 34 4.57 11.26 4.66
CA ALA A 34 4.48 12.02 5.91
C ALA A 34 3.56 13.23 5.76
N LYS A 35 3.54 13.84 4.57
CA LYS A 35 2.61 14.95 4.35
C LYS A 35 1.16 14.48 4.35
N VAL A 36 0.91 13.30 3.79
CA VAL A 36 -0.40 12.67 3.91
C VAL A 36 -0.75 12.42 5.37
N LYS A 37 0.13 11.74 6.09
CA LYS A 37 -0.07 11.41 7.50
C LYS A 37 0.38 12.58 8.38
N ASN A 38 -0.28 13.73 8.20
CA ASN A 38 0.20 14.94 8.83
C ASN A 38 -0.04 14.98 10.34
N ASN A 39 -0.81 14.03 10.88
CA ASN A 39 -1.00 13.88 12.32
C ASN A 39 0.04 12.99 12.98
N TRP A 40 1.02 12.50 12.22
CA TRP A 40 2.11 11.68 12.72
C TRP A 40 3.41 12.45 12.62
N GLU A 41 4.38 12.09 13.47
CA GLU A 41 5.69 12.75 13.46
C GLU A 41 6.67 11.92 12.65
N PRO A 42 7.36 12.51 11.67
CA PRO A 42 8.28 11.74 10.83
C PRO A 42 9.69 11.71 11.41
N VAL A 43 10.29 10.52 11.30
CA VAL A 43 11.70 10.31 11.63
C VAL A 43 12.22 9.33 10.60
N ASP A 44 13.27 9.72 9.87
CA ASP A 44 13.76 8.93 8.74
C ASP A 44 15.26 8.66 8.88
N VAL A 45 15.66 7.43 8.58
CA VAL A 45 17.06 7.04 8.70
C VAL A 45 17.49 6.27 7.46
N TYR A 46 18.80 6.16 7.30
CA TYR A 46 19.35 5.46 6.13
C TYR A 46 20.74 4.95 6.47
N LEU A 47 21.24 4.08 5.63
CA LEU A 47 22.61 3.58 5.71
C LEU A 47 23.29 3.87 4.39
N GLU A 48 24.62 4.01 4.43
CA GLU A 48 25.40 4.25 3.22
C GLU A 48 26.42 3.13 3.04
N ASP A 49 26.81 2.92 1.77
CA ASP A 49 27.90 1.99 1.47
C ASP A 49 29.23 2.68 1.72
N ASP A 50 30.34 2.03 1.39
CA ASP A 50 31.65 2.61 1.68
C ASP A 50 31.95 3.83 0.82
N GLN A 51 31.22 4.03 -0.28
CA GLN A 51 31.37 5.22 -1.11
C GLN A 51 30.36 6.31 -0.79
N GLY A 52 29.59 6.17 0.28
CA GLY A 52 28.68 7.21 0.69
C GLY A 52 27.34 7.23 0.00
N ALA A 53 27.06 6.23 -0.85
CA ALA A 53 25.76 6.14 -1.51
C ALA A 53 24.74 5.47 -0.58
N ILE A 54 23.50 5.95 -0.60
CA ILE A 54 22.48 5.30 0.21
C ILE A 54 22.26 3.88 -0.28
N ILE A 55 22.22 2.94 0.65
CA ILE A 55 21.94 1.54 0.33
C ILE A 55 20.71 0.99 1.02
N ALA A 56 20.15 1.70 2.00
CA ALA A 56 18.99 1.21 2.72
C ALA A 56 18.36 2.41 3.40
N ALA A 57 17.03 2.43 3.48
CA ALA A 57 16.39 3.56 4.13
C ALA A 57 15.09 3.12 4.81
N MET A 58 14.72 3.83 5.86
CA MET A 58 13.50 3.54 6.60
C MET A 58 12.82 4.86 6.96
N SER A 59 11.59 5.03 6.48
CA SER A 59 10.78 6.20 6.79
C SER A 59 9.82 5.81 7.91
N MET A 60 9.92 6.47 9.05
CA MET A 60 9.10 6.12 10.19
C MET A 60 8.11 7.24 10.46
N LEU A 61 6.94 6.88 10.97
CA LEU A 61 5.96 7.85 11.44
C LEU A 61 5.63 7.48 12.88
N LEU A 62 5.59 8.49 13.76
CA LEU A 62 5.38 8.26 15.18
C LEU A 62 3.99 8.73 15.55
N GLY A 63 3.22 7.84 16.18
CA GLY A 63 1.87 8.18 16.60
C GLY A 63 1.65 8.08 18.09
N ASP A 64 0.57 8.69 18.58
CA ASP A 64 0.30 8.70 20.00
C ASP A 64 -0.33 7.37 20.44
N THR A 65 -0.24 7.10 21.73
CA THR A 65 -0.85 5.95 22.40
C THR A 65 -1.46 6.45 23.70
N PRO A 66 -2.22 5.63 24.42
CA PRO A 66 -2.70 6.02 25.75
C PRO A 66 -1.64 5.99 26.84
N THR A 67 -0.37 5.81 26.50
CA THR A 67 0.73 5.76 27.46
C THR A 67 1.68 6.93 27.19
N ASP A 68 2.78 6.97 27.94
CA ASP A 68 3.78 8.01 27.73
C ASP A 68 4.63 7.77 26.48
N LYS A 69 4.46 6.64 25.80
CA LYS A 69 5.33 6.27 24.70
C LYS A 69 4.62 6.46 23.36
N LYS A 70 5.41 6.60 22.31
CA LYS A 70 4.91 6.70 20.94
C LYS A 70 4.96 5.34 20.27
N PHE A 71 4.15 5.19 19.23
CA PHE A 71 4.17 4.03 18.34
C PHE A 71 4.92 4.44 17.08
N ALA A 72 6.04 3.76 16.79
CA ALA A 72 6.84 4.07 15.60
C ALA A 72 6.54 3.03 14.53
N TYR A 73 6.21 3.50 13.33
CA TYR A 73 5.64 2.63 12.31
C TYR A 73 6.25 2.98 10.95
N ALA A 74 6.85 1.99 10.28
CA ALA A 74 7.46 2.18 8.96
C ALA A 74 6.62 1.38 7.98
N SER A 75 5.61 2.04 7.43
CA SER A 75 4.60 1.35 6.62
C SER A 75 5.21 0.80 5.33
N LYS A 76 5.11 -0.53 5.18
CA LYS A 76 5.66 -1.27 4.05
C LYS A 76 7.16 -1.01 3.87
N GLY A 77 7.85 -0.62 4.94
CA GLY A 77 9.29 -0.50 4.89
C GLY A 77 9.95 -1.64 5.63
N PRO A 78 11.27 -1.58 5.72
CA PRO A 78 12.15 -0.56 5.14
C PRO A 78 12.38 -0.82 3.66
N VAL A 79 13.10 0.08 3.03
CA VAL A 79 13.37 0.00 1.60
C VAL A 79 14.79 -0.54 1.48
N MET A 80 14.85 -1.86 1.24
CA MET A 80 16.08 -2.66 1.12
C MET A 80 15.57 -4.09 1.04
N ASP A 81 16.47 -5.05 0.87
CA ASP A 81 16.09 -6.47 0.90
C ASP A 81 16.01 -6.90 2.37
N VAL A 82 14.80 -7.00 2.92
CA VAL A 82 14.68 -7.29 4.35
C VAL A 82 15.09 -8.72 4.71
N THR A 83 15.19 -9.62 3.74
CA THR A 83 15.75 -10.95 4.05
C THR A 83 17.24 -10.91 4.32
N ASP A 84 17.92 -9.82 3.98
CA ASP A 84 19.32 -9.62 4.34
C ASP A 84 19.30 -9.09 5.77
N VAL A 85 19.12 -10.02 6.72
CA VAL A 85 18.77 -9.62 8.10
C VAL A 85 19.93 -8.94 8.82
N ASP A 86 21.19 -9.28 8.50
CA ASP A 86 22.30 -8.53 9.10
C ASP A 86 22.26 -7.07 8.69
N LEU A 87 21.95 -6.77 7.43
CA LEU A 87 21.81 -5.38 7.02
C LEU A 87 20.56 -4.77 7.64
N LEU A 88 19.47 -5.54 7.73
CA LEU A 88 18.26 -5.07 8.41
C LEU A 88 18.57 -4.65 9.84
N ASP A 89 19.34 -5.47 10.58
CA ASP A 89 19.70 -5.13 11.95
C ASP A 89 20.44 -3.80 12.02
N ARG A 90 21.37 -3.57 11.10
CA ARG A 90 22.12 -2.31 11.11
C ARG A 90 21.20 -1.11 10.92
N LEU A 91 20.26 -1.22 9.96
CA LEU A 91 19.33 -0.11 9.71
C LEU A 91 18.38 0.09 10.89
N VAL A 92 17.87 -1.01 11.44
CA VAL A 92 17.02 -0.90 12.63
C VAL A 92 17.76 -0.27 13.79
N ASP A 93 19.05 -0.60 13.97
CA ASP A 93 19.82 0.05 15.03
C ASP A 93 19.92 1.57 14.81
N GLU A 94 20.09 2.00 13.56
CA GLU A 94 20.10 3.43 13.28
C GLU A 94 18.74 4.05 13.59
N ALA A 95 17.66 3.34 13.27
CA ALA A 95 16.32 3.83 13.55
C ALA A 95 16.08 3.97 15.05
N VAL A 96 16.52 2.97 15.81
CA VAL A 96 16.35 3.01 17.26
C VAL A 96 17.12 4.16 17.88
N LYS A 97 18.35 4.42 17.42
CA LYS A 97 19.09 5.59 17.88
C LYS A 97 18.29 6.87 17.63
N ALA A 98 17.67 6.98 16.45
CA ALA A 98 16.94 8.19 16.11
C ALA A 98 15.67 8.34 16.92
N LEU A 99 15.10 7.24 17.39
CA LEU A 99 13.88 7.32 18.19
C LEU A 99 14.17 7.80 19.61
N ASP A 100 15.39 7.60 20.09
CA ASP A 100 15.83 8.24 21.34
C ASP A 100 14.96 7.84 22.52
N GLY A 101 14.48 6.60 22.53
CA GLY A 101 13.70 6.09 23.63
C GLY A 101 12.28 6.62 23.72
N ARG A 102 11.77 7.24 22.66
CA ARG A 102 10.44 7.85 22.71
C ARG A 102 9.32 6.88 22.35
N ALA A 103 9.65 5.75 21.73
CA ALA A 103 8.66 4.81 21.24
C ALA A 103 8.79 3.49 22.00
N TYR A 104 7.68 2.77 22.11
CA TYR A 104 7.69 1.47 22.76
C TYR A 104 7.99 0.34 21.79
N VAL A 105 7.83 0.60 20.49
CA VAL A 105 8.06 -0.40 19.47
C VAL A 105 8.40 0.35 18.19
N LEU A 106 9.18 -0.28 17.33
CA LEU A 106 9.30 0.09 15.93
C LEU A 106 8.72 -1.07 15.14
N ARG A 107 7.62 -0.83 14.44
CA ARG A 107 6.94 -1.84 13.65
C ARG A 107 7.18 -1.58 12.17
N PHE A 108 7.49 -2.63 11.42
CA PHE A 108 7.56 -2.52 9.97
C PHE A 108 6.93 -3.75 9.33
N ASP A 109 6.28 -3.53 8.18
CA ASP A 109 5.47 -4.57 7.54
C ASP A 109 5.79 -4.64 6.05
N PRO A 110 6.96 -5.15 5.72
CA PRO A 110 7.43 -5.13 4.32
C PRO A 110 6.67 -6.15 3.46
N GLU A 111 6.64 -5.85 2.16
CA GLU A 111 5.94 -6.70 1.18
C GLU A 111 6.86 -7.82 0.70
N VAL A 112 7.23 -8.66 1.66
CA VAL A 112 8.04 -9.86 1.41
C VAL A 112 7.22 -11.07 1.84
N ALA A 113 7.34 -12.15 1.06
CA ALA A 113 6.52 -13.33 1.30
C ALA A 113 6.76 -13.91 2.68
N TYR A 114 5.68 -14.39 3.29
CA TYR A 114 5.84 -15.23 4.47
C TYR A 114 6.61 -16.49 4.09
N SER A 115 7.52 -16.90 4.96
CA SER A 115 8.07 -18.25 4.94
C SER A 115 8.46 -18.63 6.36
N ASP A 116 8.43 -19.93 6.64
CA ASP A 116 8.85 -20.42 7.95
C ASP A 116 10.29 -20.03 8.24
N GLU A 117 11.16 -20.21 7.25
CA GLU A 117 12.58 -19.93 7.45
C GLU A 117 12.82 -18.45 7.75
N PHE A 118 12.11 -17.55 7.06
CA PHE A 118 12.31 -16.13 7.32
C PHE A 118 11.72 -15.73 8.66
N ASN A 119 10.54 -16.27 9.00
CA ASN A 119 9.93 -15.99 10.30
C ASN A 119 10.84 -16.44 11.44
N THR A 120 11.46 -17.62 11.29
CA THR A 120 12.36 -18.13 12.31
C THR A 120 13.60 -17.26 12.46
N THR A 121 14.19 -16.85 11.33
CA THR A 121 15.35 -15.96 11.38
C THR A 121 15.04 -14.66 12.10
N LEU A 122 13.90 -14.04 11.78
CA LEU A 122 13.56 -12.78 12.43
C LEU A 122 13.42 -12.96 13.93
N GLN A 123 12.74 -14.02 14.35
CA GLN A 123 12.60 -14.30 15.78
C GLN A 123 13.95 -14.59 16.40
N ASP A 124 14.83 -15.28 15.68
CA ASP A 124 16.18 -15.54 16.18
C ASP A 124 16.95 -14.26 16.40
N HIS A 125 16.68 -13.24 15.59
CA HIS A 125 17.34 -11.94 15.72
C HIS A 125 16.65 -11.03 16.73
N GLY A 126 15.66 -11.53 17.46
CA GLY A 126 15.07 -10.77 18.55
C GLY A 126 13.79 -10.04 18.21
N TYR A 127 13.33 -10.08 16.96
CA TYR A 127 12.09 -9.43 16.60
C TYR A 127 10.89 -10.27 17.03
N VAL A 128 9.76 -9.60 17.25
CA VAL A 128 8.49 -10.28 17.46
C VAL A 128 7.71 -10.15 16.16
N THR A 129 7.20 -11.25 15.64
CA THR A 129 6.49 -11.23 14.37
C THR A 129 5.01 -11.50 14.59
N ARG A 130 4.19 -10.89 13.74
CA ARG A 130 2.74 -11.02 13.81
C ARG A 130 2.26 -11.42 12.43
N ASN A 131 1.88 -12.68 12.27
CA ASN A 131 1.42 -13.17 10.98
C ASN A 131 0.44 -14.32 11.16
N ARG A 132 0.89 -15.56 10.92
CA ARG A 132 0.00 -16.70 11.06
C ARG A 132 -0.46 -16.92 12.50
N ASN A 133 0.30 -16.40 13.47
CA ASN A 133 -0.10 -16.53 14.87
C ASN A 133 -1.27 -15.61 15.22
N VAL A 134 -1.58 -14.61 14.38
CA VAL A 134 -2.72 -13.73 14.65
C VAL A 134 -3.79 -13.82 13.56
N ALA A 135 -3.66 -14.78 12.62
CA ALA A 135 -4.54 -14.80 11.46
C ALA A 135 -6.00 -14.95 11.85
N ASP A 136 -6.29 -15.63 12.96
CA ASP A 136 -7.67 -15.87 13.36
C ASP A 136 -8.43 -14.59 13.69
N ALA A 137 -7.72 -13.48 13.90
CA ALA A 137 -8.35 -12.20 14.18
C ALA A 137 -8.82 -11.46 12.93
N GLY A 138 -8.54 -11.99 11.74
CA GLY A 138 -9.07 -11.42 10.52
C GLY A 138 -8.11 -10.46 9.83
N MET A 139 -8.63 -9.83 8.77
CA MET A 139 -7.85 -8.87 8.00
C MET A 139 -7.20 -7.80 8.86
N HIS A 140 -7.92 -7.31 9.87
CA HIS A 140 -7.43 -6.21 10.69
C HIS A 140 -6.61 -6.68 11.89
N ALA A 141 -6.19 -7.95 11.91
CA ALA A 141 -5.22 -8.39 12.91
C ALA A 141 -3.94 -7.57 12.81
N THR A 142 -3.56 -7.19 11.60
CA THR A 142 -2.45 -6.31 11.30
C THR A 142 -3.00 -5.02 10.69
N ILE A 143 -2.19 -3.95 10.72
CA ILE A 143 -2.62 -2.65 10.22
C ILE A 143 -2.93 -2.75 8.72
N GLN A 144 -1.96 -3.26 7.93
CA GLN A 144 -2.25 -3.49 6.52
C GLN A 144 -2.65 -4.94 6.31
N PRO A 145 -3.50 -5.21 5.33
CA PRO A 145 -3.79 -6.61 5.00
C PRO A 145 -2.53 -7.39 4.67
N ARG A 146 -2.42 -8.59 5.24
CA ARG A 146 -1.28 -9.45 4.99
C ARG A 146 -1.46 -10.32 3.74
N LEU A 147 -2.70 -10.57 3.35
CA LEU A 147 -3.01 -11.33 2.14
C LEU A 147 -3.42 -10.32 1.07
N ASN A 148 -2.75 -10.37 -0.08
CA ASN A 148 -2.94 -9.37 -1.13
C ASN A 148 -3.03 -9.99 -2.51
N MET A 149 -3.90 -9.42 -3.34
CA MET A 149 -4.15 -9.92 -4.68
C MET A 149 -3.28 -9.10 -5.65
N VAL A 150 -2.19 -9.70 -6.10
CA VAL A 150 -1.18 -9.03 -6.93
C VAL A 150 -1.11 -9.71 -8.28
N LEU A 151 -1.22 -8.93 -9.34
CA LEU A 151 -1.11 -9.39 -10.72
C LEU A 151 0.32 -9.17 -11.18
N ASP A 152 1.02 -10.26 -11.49
CA ASP A 152 2.42 -10.18 -11.93
C ASP A 152 2.40 -10.05 -13.46
N LEU A 153 2.66 -8.83 -13.95
CA LEU A 153 2.61 -8.57 -15.38
C LEU A 153 3.83 -9.09 -16.13
N THR A 154 4.96 -9.33 -15.44
CA THR A 154 6.12 -9.91 -16.11
C THR A 154 5.85 -11.30 -16.66
N LYS A 155 4.77 -11.94 -16.23
CA LYS A 155 4.35 -13.19 -16.84
C LYS A 155 3.81 -13.00 -18.25
N PHE A 156 3.56 -11.75 -18.66
CA PHE A 156 2.97 -11.42 -19.95
C PHE A 156 3.82 -10.37 -20.66
N PRO A 157 5.07 -10.70 -21.01
CA PRO A 157 5.95 -9.67 -21.58
C PRO A 157 5.45 -9.02 -22.85
N ASP A 158 4.61 -9.70 -23.65
CA ASP A 158 4.17 -9.16 -24.92
C ASP A 158 2.75 -8.59 -24.86
N ALA A 159 2.13 -8.56 -23.69
CA ALA A 159 0.78 -8.03 -23.58
C ALA A 159 0.77 -6.56 -23.96
N LYS A 160 -0.14 -6.19 -24.85
CA LYS A 160 -0.30 -4.79 -25.24
C LYS A 160 -1.48 -4.15 -24.55
N THR A 161 -2.54 -4.91 -24.29
CA THR A 161 -3.75 -4.38 -23.66
C THR A 161 -4.19 -5.31 -22.55
N THR A 162 -5.05 -4.77 -21.69
CA THR A 162 -5.51 -5.52 -20.51
C THR A 162 -6.10 -6.86 -20.90
N LEU A 163 -6.88 -6.90 -21.98
CA LEU A 163 -7.54 -8.14 -22.37
C LEU A 163 -6.55 -9.28 -22.66
N ASP A 164 -5.33 -8.95 -23.09
CA ASP A 164 -4.30 -9.94 -23.38
C ASP A 164 -3.88 -10.77 -22.18
N LEU A 165 -4.26 -10.36 -20.96
CA LEU A 165 -3.86 -11.08 -19.75
C LEU A 165 -4.88 -12.12 -19.32
N TYR A 166 -6.01 -12.25 -20.01
CA TYR A 166 -7.12 -12.93 -19.38
C TYR A 166 -7.70 -14.03 -20.27
N PRO A 167 -8.28 -15.07 -19.67
CA PRO A 167 -9.04 -16.05 -20.45
C PRO A 167 -10.27 -15.39 -21.05
N SER A 168 -10.81 -16.05 -22.07
CA SER A 168 -11.98 -15.54 -22.79
C SER A 168 -13.13 -15.22 -21.86
N LYS A 169 -13.35 -16.05 -20.83
CA LYS A 169 -14.50 -15.80 -19.96
C LYS A 169 -14.34 -14.48 -19.23
N THR A 170 -13.11 -14.12 -18.85
CA THR A 170 -12.85 -12.83 -18.22
C THR A 170 -12.80 -11.68 -19.23
N LYS A 171 -12.32 -11.93 -20.46
CA LYS A 171 -12.38 -10.90 -21.47
C LYS A 171 -13.80 -10.39 -21.60
N SER A 172 -14.78 -11.30 -21.55
CA SER A 172 -16.18 -10.92 -21.69
C SER A 172 -16.64 -10.04 -20.54
N LYS A 173 -16.21 -10.37 -19.32
CA LYS A 173 -16.59 -9.58 -18.15
C LYS A 173 -16.06 -8.16 -18.25
N ILE A 174 -14.84 -8.01 -18.75
CA ILE A 174 -14.20 -6.70 -18.89
C ILE A 174 -14.80 -5.92 -20.05
N LYS A 175 -15.18 -6.62 -21.13
CA LYS A 175 -15.74 -5.91 -22.28
C LYS A 175 -17.10 -5.33 -21.96
N ARG A 176 -17.85 -5.95 -21.03
CA ARG A 176 -19.25 -5.61 -20.82
C ARG A 176 -19.50 -4.15 -20.48
N PRO A 177 -18.84 -3.54 -19.49
CA PRO A 177 -19.11 -2.12 -19.21
C PRO A 177 -18.86 -1.22 -20.41
N PHE A 178 -17.79 -1.49 -21.17
CA PHE A 178 -17.50 -0.66 -22.34
C PHE A 178 -18.57 -0.83 -23.41
N ARG A 179 -19.01 -2.06 -23.66
CA ARG A 179 -20.09 -2.29 -24.62
C ARG A 179 -21.35 -1.53 -24.20
N ASP A 180 -21.59 -1.42 -22.90
CA ASP A 180 -22.78 -0.76 -22.39
C ASP A 180 -22.63 0.74 -22.22
N GLY A 181 -21.55 1.32 -22.74
CA GLY A 181 -21.40 2.77 -22.78
C GLY A 181 -20.59 3.39 -21.65
N VAL A 182 -19.96 2.59 -20.80
CA VAL A 182 -19.12 3.17 -19.75
C VAL A 182 -17.85 3.71 -20.39
N GLU A 183 -17.47 4.94 -20.03
CA GLU A 183 -16.21 5.53 -20.46
C GLU A 183 -15.43 6.02 -19.25
N VAL A 184 -14.11 5.86 -19.30
CA VAL A 184 -13.21 6.17 -18.18
C VAL A 184 -12.26 7.27 -18.60
N HIS A 185 -12.14 8.30 -17.77
CA HIS A 185 -11.08 9.30 -17.89
C HIS A 185 -10.24 9.30 -16.63
N SER A 186 -9.11 9.98 -16.68
CA SER A 186 -8.20 9.96 -15.54
C SER A 186 -7.43 11.27 -15.44
N GLY A 187 -7.00 11.58 -14.22
CA GLY A 187 -6.30 12.83 -13.96
C GLY A 187 -5.96 12.90 -12.50
N ASN A 188 -5.34 14.01 -12.11
CA ASN A 188 -5.02 14.20 -10.70
C ASN A 188 -5.32 15.63 -10.29
N SER A 189 -6.45 16.14 -10.71
CA SER A 189 -6.89 17.49 -10.37
C SER A 189 -8.01 17.45 -9.33
N ALA A 190 -8.38 18.64 -8.88
CA ALA A 190 -9.45 18.77 -7.90
C ALA A 190 -10.77 18.26 -8.44
N THR A 191 -10.98 18.36 -9.76
CA THR A 191 -12.21 17.86 -10.37
C THR A 191 -12.36 16.36 -10.17
N GLU A 192 -11.32 15.59 -10.51
CA GLU A 192 -11.39 14.14 -10.33
C GLU A 192 -11.45 13.78 -8.86
N LEU A 193 -10.79 14.55 -8.00
CA LEU A 193 -10.85 14.27 -6.56
C LEU A 193 -12.27 14.44 -6.03
N ASP A 194 -12.97 15.49 -6.44
CA ASP A 194 -14.37 15.66 -6.05
C ASP A 194 -15.23 14.49 -6.51
N GLU A 195 -15.01 14.01 -7.75
CA GLU A 195 -15.77 12.87 -8.25
C GLU A 195 -15.48 11.63 -7.42
N PHE A 196 -14.20 11.34 -7.19
CA PHE A 196 -13.83 10.25 -6.30
C PHE A 196 -14.54 10.37 -4.95
N PHE A 197 -14.48 11.55 -4.33
CA PHE A 197 -14.95 11.66 -2.96
C PHE A 197 -16.45 11.39 -2.87
N LYS A 198 -17.21 11.80 -3.88
CA LYS A 198 -18.63 11.47 -3.95
C LYS A 198 -18.84 9.97 -3.94
N THR A 199 -18.09 9.22 -4.78
CA THR A 199 -18.32 7.79 -4.84
C THR A 199 -17.79 7.08 -3.61
N TYR A 200 -16.71 7.60 -3.03
CA TYR A 200 -16.08 6.99 -1.86
C TYR A 200 -16.95 7.14 -0.62
N THR A 201 -17.47 8.34 -0.37
CA THR A 201 -18.38 8.50 0.75
C THR A 201 -19.67 7.71 0.55
N THR A 202 -20.14 7.60 -0.70
CA THR A 202 -21.35 6.81 -0.95
C THR A 202 -21.11 5.34 -0.66
N MET A 203 -19.97 4.78 -1.12
CA MET A 203 -19.60 3.42 -0.79
C MET A 203 -19.55 3.21 0.72
N ALA A 204 -18.89 4.12 1.44
CA ALA A 204 -18.70 3.91 2.86
C ALA A 204 -20.03 3.92 3.60
N GLU A 205 -20.93 4.83 3.24
CA GLU A 205 -22.25 4.85 3.86
C GLU A 205 -23.01 3.56 3.54
N ARG A 206 -22.85 3.04 2.32
CA ARG A 206 -23.54 1.81 1.94
C ARG A 206 -23.11 0.63 2.81
N HIS A 207 -21.84 0.57 3.18
CA HIS A 207 -21.30 -0.55 3.93
C HIS A 207 -21.25 -0.32 5.43
N GLY A 208 -21.65 0.85 5.91
CA GLY A 208 -21.56 1.15 7.32
C GLY A 208 -20.16 1.18 7.86
N ILE A 209 -19.17 1.43 7.00
CA ILE A 209 -17.78 1.42 7.40
C ILE A 209 -17.27 2.84 7.55
N THR A 210 -16.08 2.98 8.11
CA THR A 210 -15.44 4.27 8.31
C THR A 210 -14.69 4.71 7.04
N HIS A 211 -14.45 6.01 6.97
CA HIS A 211 -13.95 6.69 5.77
C HIS A 211 -13.22 7.96 6.13
N ARG A 212 -12.20 8.31 5.30
CA ARG A 212 -11.28 9.40 5.56
C ARG A 212 -11.83 10.72 5.03
N PRO A 213 -11.47 11.83 5.67
CA PRO A 213 -11.94 13.15 5.20
C PRO A 213 -11.27 13.55 3.89
N ILE A 214 -11.92 14.45 3.16
CA ILE A 214 -11.41 14.83 1.84
C ILE A 214 -9.99 15.39 1.92
N GLU A 215 -9.64 16.02 3.05
CA GLU A 215 -8.33 16.65 3.17
C GLU A 215 -7.22 15.62 3.10
N TYR A 216 -7.50 14.38 3.51
CA TYR A 216 -6.50 13.32 3.38
C TYR A 216 -6.07 13.16 1.93
N PHE A 217 -7.06 13.07 1.04
CA PHE A 217 -6.78 12.88 -0.37
C PHE A 217 -6.25 14.17 -1.01
N GLN A 218 -6.63 15.33 -0.49
CA GLN A 218 -6.05 16.58 -0.96
C GLN A 218 -4.56 16.64 -0.65
N ARG A 219 -4.16 16.24 0.56
CA ARG A 219 -2.73 16.20 0.87
C ARG A 219 -2.01 15.22 -0.04
N MET A 220 -2.67 14.11 -0.37
CA MET A 220 -2.03 13.13 -1.23
C MET A 220 -1.86 13.70 -2.63
N GLN A 221 -2.90 14.41 -3.12
CA GLN A 221 -2.80 15.03 -4.44
C GLN A 221 -1.74 16.13 -4.44
N ALA A 222 -1.56 16.84 -3.33
CA ALA A 222 -0.51 17.86 -3.28
C ALA A 222 0.88 17.23 -3.24
N ALA A 223 1.01 16.07 -2.62
CA ALA A 223 2.33 15.44 -2.44
C ALA A 223 2.81 14.72 -3.69
N PHE A 224 1.91 14.17 -4.50
CA PHE A 224 2.27 13.28 -5.60
C PHE A 224 1.75 13.84 -6.91
N ASP A 225 2.60 13.85 -7.93
CA ASP A 225 2.24 14.43 -9.22
C ASP A 225 1.46 13.42 -10.07
N ALA A 226 1.07 13.84 -11.27
CA ALA A 226 0.15 13.05 -12.08
C ALA A 226 0.82 11.84 -12.72
N ASP A 227 2.14 11.74 -12.66
CA ASP A 227 2.82 10.52 -13.08
C ASP A 227 2.86 9.49 -11.95
N THR A 228 2.50 9.89 -10.73
CA THR A 228 2.51 9.01 -9.57
C THR A 228 1.12 8.68 -9.07
N MET A 229 0.27 9.68 -8.93
CA MET A 229 -1.10 9.48 -8.45
C MET A 229 -2.07 9.78 -9.58
N ARG A 230 -3.01 8.87 -9.79
CA ARG A 230 -3.99 9.05 -10.86
C ARG A 230 -5.35 8.59 -10.39
N ILE A 231 -6.36 9.45 -10.58
CA ILE A 231 -7.75 9.12 -10.25
C ILE A 231 -8.46 8.75 -11.54
N PHE A 232 -9.06 7.57 -11.56
CA PHE A 232 -9.78 7.09 -12.74
C PHE A 232 -11.27 7.23 -12.47
N VAL A 233 -12.01 7.78 -13.43
CA VAL A 233 -13.41 8.15 -13.22
C VAL A 233 -14.24 7.54 -14.35
N ALA A 234 -15.17 6.67 -13.99
CA ALA A 234 -16.03 5.98 -14.95
C ALA A 234 -17.40 6.64 -14.97
N GLU A 235 -17.89 6.95 -16.18
CA GLU A 235 -19.18 7.58 -16.39
C GLU A 235 -19.90 6.86 -17.51
N ARG A 236 -21.23 7.00 -17.53
CA ARG A 236 -22.03 6.55 -18.65
C ARG A 236 -23.02 7.64 -18.98
N GLU A 237 -22.88 8.22 -20.18
CA GLU A 237 -23.75 9.29 -20.66
C GLU A 237 -23.91 10.40 -19.60
N GLY A 238 -22.76 10.91 -19.18
CA GLY A 238 -22.74 12.01 -18.23
C GLY A 238 -23.10 11.66 -16.80
N LYS A 239 -23.39 10.41 -16.49
CA LYS A 239 -23.70 10.00 -15.12
C LYS A 239 -22.44 9.43 -14.49
N LEU A 240 -22.09 9.92 -13.31
CA LEU A 240 -20.94 9.41 -12.56
C LEU A 240 -21.28 8.07 -11.93
N LEU A 241 -20.42 7.06 -12.17
CA LEU A 241 -20.72 5.69 -11.75
C LEU A 241 -19.71 5.17 -10.73
N SER A 242 -18.43 5.16 -11.06
CA SER A 242 -17.44 4.60 -10.15
CA SER A 242 -17.43 4.55 -10.20
C SER A 242 -16.11 5.30 -10.37
N THR A 243 -15.24 5.21 -9.35
CA THR A 243 -13.90 5.78 -9.45
C THR A 243 -12.91 4.87 -8.73
N GLY A 244 -11.64 5.17 -8.94
CA GLY A 244 -10.59 4.57 -8.14
C GLY A 244 -9.33 5.40 -8.18
N ILE A 245 -8.52 5.29 -7.12
CA ILE A 245 -7.24 5.97 -7.05
C ILE A 245 -6.15 4.92 -7.15
N ALA A 246 -5.21 5.13 -8.06
CA ALA A 246 -4.06 4.24 -8.18
C ALA A 246 -2.78 5.04 -8.01
N LEU A 247 -1.79 4.44 -7.35
CA LEU A 247 -0.49 5.06 -7.16
C LEU A 247 0.56 4.19 -7.82
N LYS A 248 1.41 4.80 -8.65
CA LYS A 248 2.51 4.13 -9.31
C LYS A 248 3.79 4.48 -8.57
N TYR A 249 4.52 3.47 -8.12
CA TYR A 249 5.72 3.72 -7.34
C TYR A 249 6.52 2.43 -7.27
N GLY A 250 7.83 2.55 -7.46
CA GLY A 250 8.67 1.35 -7.45
C GLY A 250 8.22 0.41 -8.55
N ARG A 251 8.06 -0.86 -8.21
CA ARG A 251 7.71 -1.88 -9.19
C ARG A 251 6.21 -2.12 -9.35
N LYS A 252 5.35 -1.26 -8.79
CA LYS A 252 3.93 -1.59 -8.85
C LYS A 252 3.06 -0.37 -9.03
N ILE A 253 1.90 -0.61 -9.61
CA ILE A 253 0.76 0.31 -9.57
C ILE A 253 -0.23 -0.32 -8.60
N TRP A 254 -0.70 0.47 -7.63
CA TRP A 254 -1.46 -0.04 -6.50
C TRP A 254 -2.83 0.62 -6.50
N TYR A 255 -3.87 -0.19 -6.63
CA TYR A 255 -5.25 0.26 -6.53
C TYR A 255 -5.55 0.44 -5.05
N MET A 256 -5.73 1.69 -4.61
CA MET A 256 -5.70 2.06 -3.20
C MET A 256 -7.07 2.37 -2.63
N TYR A 257 -7.87 3.16 -3.32
CA TYR A 257 -9.18 3.56 -2.86
C TYR A 257 -10.14 3.56 -4.04
N ALA A 258 -11.42 3.35 -3.76
CA ALA A 258 -12.41 3.28 -4.82
C ALA A 258 -13.81 3.39 -4.23
N GLY A 259 -14.79 3.55 -5.11
CA GLY A 259 -16.17 3.63 -4.72
C GLY A 259 -17.07 3.66 -5.94
N SER A 260 -18.35 3.35 -5.70
CA SER A 260 -19.38 3.45 -6.73
CA SER A 260 -19.38 3.46 -6.73
C SER A 260 -20.61 4.13 -6.15
N MET A 261 -21.35 4.79 -7.03
CA MET A 261 -22.59 5.44 -6.69
C MET A 261 -23.67 4.39 -6.48
N ASP A 262 -24.78 4.80 -5.86
CA ASP A 262 -25.91 3.89 -5.74
C ASP A 262 -26.54 3.68 -7.11
N GLY A 263 -27.34 2.63 -7.21
CA GLY A 263 -28.12 2.39 -8.42
C GLY A 263 -27.38 1.52 -9.41
N ASN A 264 -27.81 1.61 -10.66
CA ASN A 264 -27.19 0.82 -11.72
C ASN A 264 -25.84 1.41 -12.10
N THR A 265 -24.79 0.59 -12.05
CA THR A 265 -23.46 1.06 -12.40
C THR A 265 -22.84 0.33 -13.58
N TYR A 266 -23.55 -0.59 -14.21
CA TYR A 266 -23.12 -1.15 -15.49
C TYR A 266 -21.74 -1.77 -15.46
N TYR A 267 -21.34 -2.32 -14.31
CA TYR A 267 -20.02 -2.95 -14.15
C TYR A 267 -18.87 -1.97 -14.30
N ALA A 268 -19.15 -0.68 -14.07
CA ALA A 268 -18.12 0.34 -14.20
C ALA A 268 -16.85 0.06 -13.42
N PRO A 269 -16.89 -0.56 -12.23
CA PRO A 269 -15.62 -0.90 -11.55
C PRO A 269 -14.70 -1.78 -12.36
N TYR A 270 -15.25 -2.65 -13.21
CA TYR A 270 -14.39 -3.48 -14.05
C TYR A 270 -13.69 -2.63 -15.10
N ALA A 271 -14.38 -1.61 -15.63
CA ALA A 271 -13.76 -0.69 -16.57
C ALA A 271 -12.65 0.11 -15.89
N VAL A 272 -12.86 0.53 -14.65
CA VAL A 272 -11.81 1.22 -13.92
C VAL A 272 -10.58 0.31 -13.78
N GLN A 273 -10.80 -0.94 -13.37
CA GLN A 273 -9.67 -1.88 -13.25
C GLN A 273 -8.96 -2.03 -14.58
N SER A 274 -9.72 -2.16 -15.67
CA SER A 274 -9.08 -2.39 -16.97
C SER A 274 -8.15 -1.23 -17.32
N GLU A 275 -8.57 0.00 -17.01
CA GLU A 275 -7.75 1.16 -17.36
C GLU A 275 -6.55 1.32 -16.45
N MET A 276 -6.69 0.90 -15.20
CA MET A 276 -5.60 0.96 -14.23
C MET A 276 -4.54 -0.06 -14.63
N ILE A 277 -4.98 -1.26 -15.02
CA ILE A 277 -4.07 -2.26 -15.57
C ILE A 277 -3.41 -1.77 -16.85
N GLN A 278 -4.17 -1.09 -17.72
CA GLN A 278 -3.58 -0.56 -18.94
C GLN A 278 -2.48 0.45 -18.64
N TRP A 279 -2.68 1.26 -17.58
CA TRP A 279 -1.62 2.18 -17.14
C TRP A 279 -0.36 1.43 -16.78
N ALA A 280 -0.50 0.30 -16.08
CA ALA A 280 0.66 -0.53 -15.73
C ALA A 280 1.34 -1.08 -16.98
N LEU A 281 0.55 -1.55 -17.95
CA LEU A 281 1.19 -2.07 -19.15
C LEU A 281 1.91 -0.97 -19.92
N ASP A 282 1.27 0.20 -20.03
CA ASP A 282 1.81 1.31 -20.82
C ASP A 282 3.09 1.88 -20.21
N THR A 283 3.29 1.70 -18.90
CA THR A 283 4.48 2.20 -18.23
C THR A 283 5.48 1.09 -17.93
N ASN A 284 5.23 -0.12 -18.42
CA ASN A 284 6.14 -1.26 -18.23
C ASN A 284 6.36 -1.58 -16.76
N THR A 285 5.29 -1.52 -15.98
CA THR A 285 5.36 -1.79 -14.54
C THR A 285 5.21 -3.29 -14.26
N ASP A 286 6.01 -3.78 -13.32
CA ASP A 286 6.06 -5.22 -13.06
C ASP A 286 4.77 -5.74 -12.43
N LEU A 287 4.16 -4.98 -11.51
CA LEU A 287 3.09 -5.52 -10.70
C LEU A 287 1.90 -4.57 -10.71
N TYR A 288 0.71 -5.16 -10.65
CA TYR A 288 -0.53 -4.42 -10.38
C TYR A 288 -1.14 -5.00 -9.11
N ASP A 289 -1.27 -4.18 -8.07
CA ASP A 289 -1.63 -4.71 -6.75
C ASP A 289 -3.05 -4.22 -6.47
N LEU A 290 -3.99 -5.16 -6.34
CA LEU A 290 -5.37 -4.83 -5.99
C LEU A 290 -5.59 -4.79 -4.49
N GLY A 291 -4.59 -5.10 -3.70
CA GLY A 291 -4.70 -4.90 -2.27
C GLY A 291 -5.31 -6.08 -1.55
N GLY A 292 -5.80 -5.79 -0.35
CA GLY A 292 -6.02 -6.84 0.62
C GLY A 292 -7.31 -7.61 0.42
N ILE A 293 -7.27 -8.86 0.90
CA ILE A 293 -8.44 -9.69 1.09
C ILE A 293 -8.38 -10.22 2.52
N GLU A 294 -9.50 -10.78 2.97
CA GLU A 294 -9.46 -11.41 4.29
C GLU A 294 -9.08 -12.88 4.21
N SER A 295 -9.63 -13.63 3.25
CA SER A 295 -9.25 -15.02 3.07
C SER A 295 -9.49 -15.44 1.63
N GLU A 296 -8.77 -16.47 1.21
CA GLU A 296 -8.87 -17.00 -0.15
C GLU A 296 -10.10 -17.92 -0.23
N SER A 297 -11.28 -17.29 -0.17
CA SER A 297 -12.52 -18.03 -0.10
C SER A 297 -13.63 -17.25 -0.80
N THR A 298 -14.53 -17.98 -1.45
CA THR A 298 -15.68 -17.36 -2.08
C THR A 298 -16.62 -16.72 -1.07
N ASP A 299 -16.42 -16.99 0.23
CA ASP A 299 -17.19 -16.34 1.27
C ASP A 299 -16.74 -14.90 1.49
N ASP A 300 -15.53 -14.56 1.06
CA ASP A 300 -14.99 -13.21 1.17
C ASP A 300 -15.28 -12.46 -0.12
N SER A 301 -16.12 -11.43 -0.03
CA SER A 301 -16.51 -10.71 -1.24
C SER A 301 -15.37 -9.89 -1.82
N LEU A 302 -14.40 -9.48 -0.99
CA LEU A 302 -13.20 -8.85 -1.52
C LEU A 302 -12.44 -9.80 -2.43
N TYR A 303 -12.31 -11.07 -2.01
CA TYR A 303 -11.62 -12.05 -2.83
C TYR A 303 -12.37 -12.34 -4.13
N VAL A 304 -13.70 -12.48 -4.05
CA VAL A 304 -14.49 -12.76 -5.24
C VAL A 304 -14.26 -11.69 -6.30
N PHE A 305 -14.38 -10.42 -5.89
CA PHE A 305 -14.19 -9.32 -6.84
C PHE A 305 -12.78 -9.30 -7.40
N LYS A 306 -11.77 -9.36 -6.52
CA LYS A 306 -10.39 -9.23 -6.99
C LYS A 306 -9.92 -10.47 -7.74
N HIS A 307 -10.53 -11.63 -7.50
CA HIS A 307 -10.15 -12.84 -8.23
C HIS A 307 -10.52 -12.78 -9.70
N VAL A 308 -11.46 -11.90 -10.07
CA VAL A 308 -11.75 -11.67 -11.49
C VAL A 308 -10.50 -11.22 -12.22
N PHE A 309 -9.62 -10.49 -11.54
CA PHE A 309 -8.43 -9.91 -12.16
C PHE A 309 -7.12 -10.58 -11.78
N VAL A 310 -7.09 -11.31 -10.68
CA VAL A 310 -5.88 -12.00 -10.20
C VAL A 310 -6.24 -13.47 -10.09
N LYS A 311 -5.79 -14.27 -11.06
CA LYS A 311 -6.06 -15.70 -11.04
C LYS A 311 -5.03 -16.48 -10.26
N ASP A 312 -3.83 -15.94 -10.09
CA ASP A 312 -2.83 -16.61 -9.26
C ASP A 312 -3.23 -16.52 -7.80
N ALA A 313 -2.52 -17.29 -6.99
CA ALA A 313 -2.77 -17.26 -5.56
C ALA A 313 -2.43 -15.89 -5.00
N PRO A 314 -3.16 -15.42 -3.99
CA PRO A 314 -2.77 -14.17 -3.32
C PRO A 314 -1.39 -14.28 -2.72
N ARG A 315 -0.70 -13.14 -2.65
CA ARG A 315 0.59 -13.08 -1.99
C ARG A 315 0.33 -12.95 -0.50
N GLU A 316 1.02 -13.76 0.29
CA GLU A 316 0.90 -13.72 1.73
C GLU A 316 2.22 -13.19 2.28
N TYR A 317 2.16 -12.05 2.98
CA TYR A 317 3.38 -11.41 3.41
C TYR A 317 3.78 -11.86 4.83
N ILE A 318 5.00 -11.49 5.19
CA ILE A 318 5.55 -11.82 6.50
C ILE A 318 4.79 -11.13 7.63
N GLY A 319 3.99 -10.12 7.32
CA GLY A 319 3.22 -9.44 8.35
C GLY A 319 4.02 -8.38 9.07
N GLU A 320 3.68 -8.18 10.35
CA GLU A 320 4.30 -7.14 11.16
C GLU A 320 5.54 -7.66 11.86
N ILE A 321 6.63 -6.92 11.72
CA ILE A 321 7.88 -7.21 12.38
C ILE A 321 8.11 -6.12 13.44
N ASP A 322 8.15 -6.52 14.71
CA ASP A 322 8.20 -5.56 15.81
C ASP A 322 9.58 -5.63 16.49
N LYS A 323 10.31 -4.52 16.47
CA LYS A 323 11.50 -4.34 17.31
C LYS A 323 10.99 -3.76 18.62
N VAL A 324 10.94 -4.60 19.66
CA VAL A 324 10.33 -4.21 20.94
C VAL A 324 11.33 -3.35 21.71
N LEU A 325 10.90 -2.17 22.14
CA LEU A 325 11.78 -1.24 22.81
C LEU A 325 11.43 -1.03 24.28
N ASP A 326 10.14 -0.96 24.61
CA ASP A 326 9.66 -0.92 26.00
C ASP A 326 8.77 -2.12 26.19
N PRO A 327 9.26 -3.22 26.78
CA PRO A 327 8.46 -4.45 26.79
C PRO A 327 7.25 -4.38 27.68
N GLU A 328 7.27 -3.57 28.74
CA GLU A 328 6.10 -3.41 29.58
C GLU A 328 4.95 -2.78 28.80
N VAL A 329 5.22 -1.69 28.10
CA VAL A 329 4.18 -1.06 27.29
C VAL A 329 3.78 -1.94 26.10
N TYR A 330 4.74 -2.62 25.48
CA TYR A 330 4.40 -3.53 24.39
C TYR A 330 3.38 -4.58 24.84
N ALA A 331 3.60 -5.16 26.03
CA ALA A 331 2.69 -6.18 26.52
C ALA A 331 1.30 -5.60 26.83
N GLU A 332 1.23 -4.34 27.27
CA GLU A 332 -0.08 -3.75 27.54
C GLU A 332 -0.85 -3.45 26.26
N LEU A 333 -0.16 -3.06 25.18
CA LEU A 333 -0.83 -2.53 24.00
C LEU A 333 -0.92 -3.50 22.84
N VAL A 334 -0.20 -4.62 22.86
CA VAL A 334 -0.14 -5.54 21.73
C VAL A 334 -0.46 -6.96 22.21
N LYS A 335 -1.36 -7.65 21.51
CA LYS A 335 -1.66 -9.05 21.80
C LYS A 335 -0.95 -9.95 20.79
N ASP A 336 -0.46 -11.10 21.28
CA ASP A 336 0.37 -11.98 20.46
C ASP A 336 -0.40 -13.10 19.77
N GLY A 337 -1.73 -13.19 19.97
CA GLY A 337 -2.52 -14.21 19.32
C GLY A 337 -2.65 -15.52 20.07
N HIS A 338 -2.12 -15.61 21.28
CA HIS A 338 -2.22 -16.82 22.10
C HIS A 338 -3.63 -17.02 22.62
N ALA C 1 -10.48 3.02 10.03
CA ALA C 1 -10.42 1.71 10.64
C ALA C 1 -10.91 0.61 9.70
N CYS C 3 -9.16 0.34 4.91
CA CYS C 3 -8.35 -0.84 4.62
C CYS C 3 -6.87 -0.45 4.67
#